data_5P99
#
_entry.id   5P99
#
_cell.length_a   49.992
_cell.length_b   53.941
_cell.length_c   80.798
_cell.angle_alpha   90.00
_cell.angle_beta   90.00
_cell.angle_gamma   90.00
#
_symmetry.space_group_name_H-M   'P 21 21 21'
#
loop_
_entity.id
_entity.type
_entity.pdbx_description
1 polymer 'Catechol O-methyltransferase'
2 non-polymer 'MAGNESIUM ION'
3 non-polymer 'CHLORIDE ION'
4 non-polymer N-[2-[2-(3,4-dihydroxyphenyl)-2-oxoethyl]sulfanylethyl]-5-(4-fluorophenyl)-2,3-dihydroxybenzamide
5 non-polymer 'SULFATE ION'
6 non-polymer (4S,5S)-1,2-DITHIANE-4,5-DIOL
7 non-polymer '2-[N-CYCLOHEXYLAMINO]ETHANE SULFONIC ACID'
8 water water
#
_entity_poly.entity_id   1
_entity_poly.type   'polypeptide(L)'
_entity_poly.pdbx_seq_one_letter_code
;MGDTKEQRILRYVQQNAKPGDPQSVLEAIDTYCTQKEWAMNVGDAKGQIMDAVIREYSPSLVLELGAYCGYSAVRMARLL
QPGARLLTMEMNPDYAAITQQMLNFAGLQDKVTILNGASQDLIPQLKKKYDVDTLDMVFLDHWKDRYLPDTLLLEKCGLL
RKGTVLLADNVIVPGTPDFLAYVRGSSSFECTHYSSYLEYMKVVDGLEKAIYQGPSSPDKS
;
_entity_poly.pdbx_strand_id   A
#
loop_
_chem_comp.id
_chem_comp.type
_chem_comp.name
_chem_comp.formula
77M non-polymer N-[2-[2-(3,4-dihydroxyphenyl)-2-oxoethyl]sulfanylethyl]-5-(4-fluorophenyl)-2,3-dihydroxybenzamide 'C23 H20 F N O6 S'
CL non-polymer 'CHLORIDE ION' 'Cl -1'
D1D non-polymer (4S,5S)-1,2-DITHIANE-4,5-DIOL 'C4 H8 O2 S2'
MG non-polymer 'MAGNESIUM ION' 'Mg 2'
NHE non-polymer '2-[N-CYCLOHEXYLAMINO]ETHANE SULFONIC ACID' 'C8 H17 N O3 S'
SO4 non-polymer 'SULFATE ION' 'O4 S -2'
#
# COMPACT_ATOMS: atom_id res chain seq x y z
N ASP A 3 23.73 -11.37 -2.81
CA ASP A 3 22.66 -10.41 -2.45
C ASP A 3 21.27 -10.94 -2.83
N THR A 4 20.26 -10.30 -2.30
CA THR A 4 18.90 -10.66 -2.62
C THR A 4 18.38 -9.80 -3.76
N LYS A 5 17.27 -10.22 -4.33
CA LYS A 5 16.56 -9.43 -5.37
C LYS A 5 16.24 -8.03 -4.86
N GLU A 6 15.83 -7.90 -3.59
CA GLU A 6 15.43 -6.57 -3.06
C GLU A 6 16.63 -5.69 -2.90
N GLN A 7 17.78 -6.24 -2.49
CA GLN A 7 19.02 -5.49 -2.49
C GLN A 7 19.43 -5.06 -3.86
N ARG A 8 19.25 -5.91 -4.85
CA ARG A 8 19.54 -5.56 -6.23
C ARG A 8 18.68 -4.41 -6.76
N ILE A 9 17.40 -4.45 -6.39
CA ILE A 9 16.49 -3.39 -6.83
C ILE A 9 16.91 -2.05 -6.18
N LEU A 10 17.22 -2.06 -4.87
CA LEU A 10 17.66 -0.82 -4.20
C LEU A 10 18.93 -0.29 -4.82
N ARG A 11 19.92 -1.17 -5.06
CA ARG A 11 21.15 -0.69 -5.69
C ARG A 11 20.88 -0.08 -7.07
N TYR A 12 20.01 -0.71 -7.87
CA TYR A 12 19.69 -0.18 -9.17
C TYR A 12 19.07 1.19 -9.06
N VAL A 13 18.17 1.42 -8.12
CA VAL A 13 17.57 2.74 -7.94
C VAL A 13 18.66 3.75 -7.55
N GLN A 14 19.54 3.39 -6.62
CA GLN A 14 20.58 4.30 -6.15
C GLN A 14 21.52 4.69 -7.29
N GLN A 15 21.64 3.85 -8.31
CA GLN A 15 22.58 4.07 -9.40
C GLN A 15 21.94 4.54 -10.71
N ASN A 16 20.58 4.65 -10.74
CA ASN A 16 19.84 4.94 -11.97
C ASN A 16 18.75 5.95 -11.74
N ALA A 17 18.63 6.53 -10.61
CA ALA A 17 17.64 7.53 -10.27
C ALA A 17 18.32 8.72 -9.65
N LYS A 18 17.60 9.81 -9.51
CA LYS A 18 18.10 11.05 -8.91
C LYS A 18 17.67 11.15 -7.46
N PRO A 19 18.61 11.32 -6.51
CA PRO A 19 18.22 11.49 -5.11
C PRO A 19 17.20 12.62 -5.00
N GLY A 20 16.16 12.39 -4.24
CA GLY A 20 15.11 13.34 -3.99
C GLY A 20 14.10 13.50 -5.07
N ASP A 21 14.11 12.60 -6.04
CA ASP A 21 13.18 12.69 -7.20
C ASP A 21 12.36 11.37 -7.24
N PRO A 22 11.18 11.40 -6.59
CA PRO A 22 10.42 10.17 -6.49
C PRO A 22 10.00 9.56 -7.83
N GLN A 23 9.66 10.39 -8.79
CA GLN A 23 9.28 9.88 -10.11
C GLN A 23 10.43 9.06 -10.71
N SER A 24 11.67 9.54 -10.57
CA SER A 24 12.82 8.81 -11.12
C SER A 24 13.02 7.48 -10.40
N VAL A 25 12.69 7.43 -9.12
CA VAL A 25 12.74 6.22 -8.35
C VAL A 25 11.77 5.19 -8.90
N LEU A 26 10.51 5.60 -9.11
CA LEU A 26 9.50 4.70 -9.64
C LEU A 26 9.89 4.19 -11.00
N GLU A 27 10.39 5.06 -11.88
CA GLU A 27 10.80 4.68 -13.23
C GLU A 27 11.93 3.68 -13.17
N ALA A 28 12.90 3.87 -12.26
CA ALA A 28 13.99 2.93 -12.13
C ALA A 28 13.52 1.55 -11.69
N ILE A 29 12.63 1.51 -10.71
CA ILE A 29 12.15 0.22 -10.26
C ILE A 29 11.38 -0.47 -11.39
N ASP A 30 10.52 0.25 -12.09
CA ASP A 30 9.74 -0.35 -13.14
C ASP A 30 10.64 -0.85 -14.29
N THR A 31 11.71 -0.11 -14.60
CA THR A 31 12.65 -0.56 -15.63
C THR A 31 13.36 -1.82 -15.17
N TYR A 32 13.86 -1.86 -13.95
CA TYR A 32 14.51 -3.03 -13.47
C TYR A 32 13.63 -4.27 -13.54
N CYS A 33 12.38 -4.09 -13.15
CA CYS A 33 11.49 -5.25 -13.01
C CYS A 33 10.91 -5.69 -14.34
N THR A 34 10.99 -4.86 -15.36
CA THR A 34 10.60 -5.21 -16.72
C THR A 34 11.75 -5.83 -17.49
N GLN A 35 12.98 -5.39 -17.25
CA GLN A 35 14.13 -5.79 -18.04
C GLN A 35 14.98 -6.83 -17.39
N LYS A 36 15.06 -6.86 -16.07
CA LYS A 36 16.00 -7.70 -15.33
C LYS A 36 15.33 -8.81 -14.57
N GLU A 37 14.48 -8.47 -13.61
CA GLU A 37 13.87 -9.50 -12.77
C GLU A 37 12.52 -9.00 -12.27
N TRP A 38 11.49 -9.81 -12.39
CA TRP A 38 10.18 -9.47 -11.88
C TRP A 38 10.22 -9.34 -10.38
N ALA A 39 9.39 -8.43 -9.85
CA ALA A 39 9.23 -8.34 -8.39
C ALA A 39 7.80 -7.87 -8.11
N MET A 40 7.34 -8.14 -6.88
CA MET A 40 5.94 -7.92 -6.45
C MET A 40 5.65 -6.49 -6.02
N ASN A 41 6.19 -5.50 -6.75
CA ASN A 41 5.78 -4.12 -6.56
C ASN A 41 4.43 -3.93 -7.23
N VAL A 42 3.65 -2.92 -6.80
CA VAL A 42 2.33 -2.77 -7.40
CA VAL A 42 2.34 -2.70 -7.39
C VAL A 42 2.43 -2.51 -8.92
N GLY A 43 3.53 -1.88 -9.35
CA GLY A 43 3.77 -1.66 -10.75
C GLY A 43 3.10 -0.41 -11.31
N ASP A 44 3.40 -0.07 -12.55
CA ASP A 44 2.90 1.13 -13.18
C ASP A 44 1.44 1.06 -13.58
N ALA A 45 0.95 -0.07 -14.03
CA ALA A 45 -0.46 -0.15 -14.49
C ALA A 45 -1.40 0.09 -13.31
N LYS A 46 -1.24 -0.70 -12.25
CA LYS A 46 -2.06 -0.52 -11.07
C LYS A 46 -1.68 0.75 -10.33
N GLY A 47 -0.41 1.12 -10.41
CA GLY A 47 0.08 2.34 -9.79
C GLY A 47 -0.63 3.60 -10.32
N GLN A 48 -0.96 3.62 -11.63
CA GLN A 48 -1.69 4.76 -12.16
C GLN A 48 -3.11 4.85 -11.58
N ILE A 49 -3.73 3.72 -11.33
CA ILE A 49 -5.03 3.72 -10.68
C ILE A 49 -4.92 4.18 -9.23
N MET A 50 -3.91 3.74 -8.50
CA MET A 50 -3.62 4.24 -7.16
CA MET A 50 -3.62 4.22 -7.16
C MET A 50 -3.45 5.75 -7.19
N ASP A 51 -2.71 6.28 -8.15
CA ASP A 51 -2.47 7.70 -8.19
C ASP A 51 -3.78 8.44 -8.36
N ALA A 52 -4.65 7.96 -9.21
CA ALA A 52 -5.94 8.61 -9.48
C ALA A 52 -6.78 8.64 -8.19
N VAL A 53 -6.75 7.55 -7.41
CA VAL A 53 -7.46 7.50 -6.14
C VAL A 53 -6.90 8.44 -5.13
N ILE A 54 -5.60 8.47 -4.96
CA ILE A 54 -4.96 9.38 -4.03
C ILE A 54 -5.27 10.80 -4.36
N ARG A 55 -5.22 11.15 -5.61
CA ARG A 55 -5.51 12.51 -6.00
C ARG A 55 -6.97 12.85 -5.72
N GLU A 56 -7.90 11.93 -5.91
CA GLU A 56 -9.30 12.18 -5.65
C GLU A 56 -9.55 12.51 -4.21
N TYR A 57 -8.98 11.70 -3.30
CA TYR A 57 -9.27 11.80 -1.88
C TYR A 57 -8.32 12.70 -1.08
N SER A 58 -7.15 13.02 -1.58
CA SER A 58 -6.15 13.78 -0.84
C SER A 58 -6.05 13.43 0.65
N PRO A 59 -5.81 12.15 0.97
CA PRO A 59 -5.89 11.73 2.38
C PRO A 59 -4.79 12.39 3.21
N SER A 60 -5.14 12.76 4.46
CA SER A 60 -4.19 13.31 5.37
C SER A 60 -3.39 12.27 6.16
N LEU A 61 -3.96 11.07 6.30
CA LEU A 61 -3.33 9.96 7.03
C LEU A 61 -3.69 8.67 6.33
N VAL A 62 -2.68 7.99 5.81
CA VAL A 62 -2.81 6.75 5.07
C VAL A 62 -2.09 5.65 5.84
N LEU A 63 -2.70 4.50 5.97
CA LEU A 63 -2.04 3.29 6.48
C LEU A 63 -1.85 2.33 5.32
N GLU A 64 -0.63 1.82 5.15
CA GLU A 64 -0.30 0.74 4.21
C GLU A 64 0.08 -0.50 4.97
N LEU A 65 -0.54 -1.60 4.59
CA LEU A 65 -0.20 -2.92 5.11
C LEU A 65 0.61 -3.67 4.05
N GLY A 66 1.89 -3.79 4.31
CA GLY A 66 2.83 -4.44 3.44
C GLY A 66 3.56 -3.38 2.62
N ALA A 67 4.86 -3.24 2.85
CA ALA A 67 5.69 -2.27 2.15
C ALA A 67 6.51 -2.87 1.01
N TYR A 68 7.07 -4.06 1.24
CA TYR A 68 7.96 -4.67 0.29
C TYR A 68 9.25 -3.90 0.13
N CYS A 69 9.47 -3.27 -1.04
CA CYS A 69 10.66 -2.45 -1.24
C CYS A 69 10.37 -0.97 -1.20
N GLY A 70 9.12 -0.59 -0.94
CA GLY A 70 8.78 0.83 -0.80
C GLY A 70 8.17 1.44 -2.05
N TYR A 71 7.94 0.69 -3.12
CA TYR A 71 7.40 1.23 -4.35
C TYR A 71 6.08 1.94 -4.11
N SER A 72 5.12 1.24 -3.49
CA SER A 72 3.83 1.86 -3.27
C SER A 72 3.91 3.03 -2.30
N ALA A 73 4.77 2.93 -1.29
CA ALA A 73 4.94 4.03 -0.33
C ALA A 73 5.48 5.26 -1.08
N VAL A 74 6.47 5.09 -1.98
CA VAL A 74 6.95 6.24 -2.77
C VAL A 74 5.82 6.76 -3.63
N ARG A 75 5.08 5.88 -4.27
CA ARG A 75 4.01 6.27 -5.17
C ARG A 75 2.99 7.15 -4.46
N MET A 76 2.54 6.71 -3.28
CA MET A 76 1.54 7.44 -2.52
C MET A 76 2.12 8.67 -1.90
N ALA A 77 3.26 8.56 -1.24
CA ALA A 77 3.79 9.68 -0.46
C ALA A 77 4.16 10.86 -1.34
N ARG A 78 4.55 10.62 -2.59
CA ARG A 78 4.90 11.74 -3.50
C ARG A 78 3.70 12.60 -3.86
N LEU A 79 2.49 12.07 -3.70
CA LEU A 79 1.29 12.80 -4.04
C LEU A 79 0.57 13.37 -2.82
N LEU A 80 1.02 13.09 -1.61
CA LEU A 80 0.38 13.65 -0.42
C LEU A 80 0.64 15.14 -0.30
N GLN A 81 -0.34 15.81 0.28
CA GLN A 81 -0.22 17.26 0.51
C GLN A 81 0.80 17.51 1.63
N PRO A 82 1.34 18.75 1.70
CA PRO A 82 2.25 19.06 2.79
C PRO A 82 1.62 18.81 4.17
N GLY A 83 2.39 18.14 5.00
CA GLY A 83 1.96 17.74 6.32
C GLY A 83 1.19 16.42 6.44
N ALA A 84 0.69 15.88 5.33
CA ALA A 84 0.00 14.58 5.32
C ALA A 84 1.05 13.48 5.53
N ARG A 85 0.60 12.33 6.02
CA ARG A 85 1.47 11.29 6.48
C ARG A 85 1.02 9.93 6.07
N LEU A 86 2.01 9.06 5.91
CA LEU A 86 1.82 7.62 5.63
C LEU A 86 2.49 6.80 6.66
N LEU A 87 1.77 5.83 7.19
CA LEU A 87 2.32 4.81 8.10
C LEU A 87 2.31 3.50 7.31
N THR A 88 3.41 2.78 7.23
CA THR A 88 3.45 1.49 6.56
C THR A 88 3.94 0.40 7.51
N MET A 89 3.24 -0.73 7.52
CA MET A 89 3.52 -1.85 8.40
C MET A 89 4.13 -2.97 7.62
N GLU A 90 5.36 -3.35 7.97
CA GLU A 90 6.12 -4.39 7.24
C GLU A 90 6.67 -5.39 8.25
N MET A 91 6.19 -6.60 8.16
CA MET A 91 6.62 -7.63 9.09
CA MET A 91 6.59 -7.71 9.04
C MET A 91 8.00 -8.23 8.79
N ASN A 92 8.45 -8.18 7.56
CA ASN A 92 9.75 -8.74 7.18
C ASN A 92 10.82 -7.67 7.39
N PRO A 93 11.75 -7.88 8.33
CA PRO A 93 12.74 -6.85 8.67
C PRO A 93 13.64 -6.51 7.52
N ASP A 94 13.99 -7.46 6.69
CA ASP A 94 14.81 -7.18 5.53
C ASP A 94 14.09 -6.25 4.54
N TYR A 95 12.81 -6.52 4.30
CA TYR A 95 12.00 -5.61 3.47
C TYR A 95 11.86 -4.21 4.12
N ALA A 96 11.66 -4.18 5.47
CA ALA A 96 11.57 -2.89 6.13
C ALA A 96 12.81 -2.08 5.91
N ALA A 97 13.97 -2.71 6.00
CA ALA A 97 15.22 -1.98 5.79
C ALA A 97 15.34 -1.46 4.35
N ILE A 98 14.95 -2.26 3.37
CA ILE A 98 14.99 -1.80 1.98
C ILE A 98 14.08 -0.61 1.82
N THR A 99 12.87 -0.74 2.32
CA THR A 99 11.85 0.32 2.21
C THR A 99 12.35 1.62 2.80
N GLN A 100 12.93 1.56 3.99
CA GLN A 100 13.47 2.80 4.61
C GLN A 100 14.50 3.43 3.72
N GLN A 101 15.42 2.63 3.20
CA GLN A 101 16.45 3.19 2.34
C GLN A 101 15.90 3.74 1.04
N MET A 102 14.87 3.12 0.51
CA MET A 102 14.23 3.61 -0.72
C MET A 102 13.57 4.96 -0.47
N LEU A 103 12.86 5.08 0.64
CA LEU A 103 12.24 6.34 1.02
C LEU A 103 13.24 7.45 1.30
N ASN A 104 14.35 7.10 1.96
CA ASN A 104 15.43 8.05 2.17
C ASN A 104 16.00 8.54 0.87
N PHE A 105 16.25 7.63 -0.08
CA PHE A 105 16.78 8.03 -1.39
C PHE A 105 15.79 8.95 -2.11
N ALA A 106 14.51 8.62 -2.03
CA ALA A 106 13.46 9.44 -2.67
C ALA A 106 13.23 10.79 -2.00
N GLY A 107 13.79 11.02 -0.83
CA GLY A 107 13.56 12.24 -0.09
C GLY A 107 12.23 12.35 0.59
N LEU A 108 11.58 11.19 0.82
CA LEU A 108 10.23 11.10 1.37
C LEU A 108 10.16 10.71 2.83
N GLN A 109 11.31 10.58 3.47
CA GLN A 109 11.40 10.04 4.82
C GLN A 109 10.62 10.83 5.82
N ASP A 110 10.47 12.12 5.65
CA ASP A 110 9.75 12.90 6.69
C ASP A 110 8.22 12.67 6.58
N LYS A 111 7.71 12.14 5.46
CA LYS A 111 6.28 11.86 5.29
C LYS A 111 5.85 10.49 5.68
N VAL A 112 6.80 9.57 5.83
CA VAL A 112 6.49 8.18 6.01
C VAL A 112 7.13 7.61 7.19
N THR A 113 6.42 6.77 7.92
CA THR A 113 6.96 6.03 9.05
C THR A 113 6.79 4.55 8.77
N ILE A 114 7.89 3.81 8.79
CA ILE A 114 7.88 2.43 8.39
C ILE A 114 7.99 1.71 9.66
N LEU A 115 6.94 0.98 10.09
CA LEU A 115 6.91 0.20 11.26
C LEU A 115 7.17 -1.27 10.96
N ASN A 116 8.25 -1.80 11.57
CA ASN A 116 8.60 -3.20 11.38
C ASN A 116 7.88 -4.08 12.44
N GLY A 117 6.81 -4.81 12.09
CA GLY A 117 6.12 -5.80 12.93
C GLY A 117 4.88 -6.32 12.19
N ALA A 118 4.14 -7.22 12.84
CA ALA A 118 2.91 -7.80 12.27
C ALA A 118 1.77 -6.82 12.42
N SER A 119 1.01 -6.65 11.36
CA SER A 119 -0.11 -5.73 11.37
CA SER A 119 -0.10 -5.70 11.36
C SER A 119 -1.12 -6.00 12.48
N GLN A 120 -1.34 -7.28 12.76
CA GLN A 120 -2.30 -7.64 13.81
C GLN A 120 -1.85 -7.26 15.22
N ASP A 121 -0.54 -7.07 15.38
CA ASP A 121 0.04 -6.58 16.64
C ASP A 121 0.11 -5.07 16.72
N LEU A 122 0.36 -4.46 15.58
CA LEU A 122 0.56 -3.01 15.55
C LEU A 122 -0.76 -2.23 15.44
N ILE A 123 -1.75 -2.74 14.72
CA ILE A 123 -3.03 -2.04 14.57
C ILE A 123 -3.64 -1.64 15.91
N PRO A 124 -3.64 -2.54 16.92
CA PRO A 124 -4.21 -2.14 18.22
C PRO A 124 -3.43 -1.09 18.96
N GLN A 125 -2.22 -0.79 18.55
CA GLN A 125 -1.36 0.24 19.18
C GLN A 125 -1.46 1.61 18.53
N LEU A 126 -2.14 1.70 17.37
CA LEU A 126 -2.13 2.93 16.62
C LEU A 126 -2.69 4.12 17.34
N LYS A 127 -3.77 3.95 18.05
CA LYS A 127 -4.34 5.08 18.79
C LYS A 127 -3.48 5.56 19.94
N LYS A 128 -3.09 4.65 20.81
CA LYS A 128 -2.41 5.05 22.03
C LYS A 128 -0.92 5.33 21.83
N LYS A 129 -0.25 4.57 20.98
CA LYS A 129 1.19 4.72 20.81
C LYS A 129 1.52 5.67 19.68
N TYR A 130 0.78 5.64 18.59
CA TYR A 130 1.05 6.49 17.40
C TYR A 130 0.10 7.67 17.24
N ASP A 131 -0.77 7.92 18.25
CA ASP A 131 -1.64 9.11 18.28
C ASP A 131 -2.53 9.25 17.04
N VAL A 132 -2.97 8.13 16.54
CA VAL A 132 -3.92 8.13 15.47
C VAL A 132 -5.34 8.26 16.04
N ASP A 133 -6.19 9.04 15.38
CA ASP A 133 -7.64 9.06 15.65
C ASP A 133 -8.32 8.07 14.69
N THR A 134 -8.58 8.47 13.46
CA THR A 134 -9.07 7.60 12.46
C THR A 134 -8.24 7.76 11.17
N LEU A 135 -8.34 6.77 10.31
CA LEU A 135 -7.58 6.68 9.04
C LEU A 135 -8.36 7.22 7.91
N ASP A 136 -7.76 7.99 7.01
CA ASP A 136 -8.42 8.44 5.80
C ASP A 136 -8.44 7.40 4.70
N MET A 137 -7.39 6.58 4.61
CA MET A 137 -7.22 5.60 3.57
CA MET A 137 -7.22 5.60 3.57
C MET A 137 -6.34 4.48 4.10
N VAL A 138 -6.62 3.28 3.61
CA VAL A 138 -5.83 2.09 3.93
C VAL A 138 -5.51 1.40 2.63
N PHE A 139 -4.23 1.11 2.36
CA PHE A 139 -3.80 0.31 1.22
C PHE A 139 -3.40 -1.09 1.70
N LEU A 140 -4.10 -2.10 1.23
CA LEU A 140 -3.86 -3.49 1.59
CA LEU A 140 -3.84 -3.48 1.61
C LEU A 140 -3.01 -4.18 0.54
N ASP A 141 -1.80 -4.63 0.93
CA ASP A 141 -0.88 -5.27 -0.01
C ASP A 141 0.03 -6.26 0.69
N HIS A 142 -0.43 -6.84 1.79
CA HIS A 142 0.34 -7.80 2.59
C HIS A 142 -0.11 -9.20 2.26
N TRP A 143 0.06 -10.15 3.14
CA TRP A 143 -0.40 -11.50 2.80
C TRP A 143 -1.90 -11.53 2.52
N LYS A 144 -2.31 -12.21 1.47
CA LYS A 144 -3.66 -12.03 0.98
C LYS A 144 -4.69 -12.59 1.92
N ASP A 145 -4.33 -13.60 2.72
CA ASP A 145 -5.21 -14.18 3.73
C ASP A 145 -5.34 -13.27 4.94
N ARG A 146 -4.64 -12.13 5.01
CA ARG A 146 -4.72 -11.23 6.12
C ARG A 146 -5.60 -10.01 5.80
N TYR A 147 -6.05 -9.84 4.55
CA TYR A 147 -6.83 -8.66 4.20
C TYR A 147 -8.14 -8.60 5.04
N LEU A 148 -8.88 -9.71 5.09
CA LEU A 148 -10.11 -9.72 5.83
C LEU A 148 -9.92 -9.61 7.33
N PRO A 149 -9.10 -10.43 7.98
CA PRO A 149 -8.96 -10.29 9.42
C PRO A 149 -8.47 -8.94 9.81
N ASP A 150 -7.53 -8.34 9.08
CA ASP A 150 -7.03 -7.04 9.46
C ASP A 150 -8.09 -5.92 9.22
N THR A 151 -8.95 -6.02 8.18
CA THR A 151 -10.04 -5.07 8.01
C THR A 151 -10.98 -5.08 9.20
N LEU A 152 -11.32 -6.30 9.65
CA LEU A 152 -12.24 -6.44 10.80
C LEU A 152 -11.57 -5.94 12.06
N LEU A 153 -10.26 -6.08 12.19
CA LEU A 153 -9.53 -5.54 13.31
C LEU A 153 -9.48 -4.00 13.32
N LEU A 154 -9.28 -3.42 12.12
CA LEU A 154 -9.34 -1.94 11.99
C LEU A 154 -10.66 -1.42 12.49
N GLU A 155 -11.76 -2.07 12.11
CA GLU A 155 -13.07 -1.67 12.59
C GLU A 155 -13.22 -1.78 14.09
N LYS A 156 -12.80 -2.94 14.62
CA LYS A 156 -12.87 -3.18 16.06
C LYS A 156 -12.19 -2.10 16.87
N CYS A 157 -11.03 -1.71 16.38
CA CYS A 157 -10.17 -0.75 17.04
C CYS A 157 -10.63 0.69 16.84
N GLY A 158 -11.73 0.91 16.11
CA GLY A 158 -12.23 2.27 15.94
C GLY A 158 -11.44 3.16 15.03
N LEU A 159 -10.72 2.57 14.09
CA LEU A 159 -9.80 3.30 13.21
C LEU A 159 -10.46 3.71 11.91
N LEU A 160 -11.63 3.20 11.57
CA LEU A 160 -12.33 3.53 10.35
C LEU A 160 -13.40 4.58 10.70
N ARG A 161 -13.61 5.50 9.78
CA ARG A 161 -14.66 6.50 9.92
C ARG A 161 -15.50 6.48 8.64
N LYS A 162 -16.65 7.11 8.65
CA LYS A 162 -17.45 7.26 7.42
C LYS A 162 -16.59 7.92 6.37
N GLY A 163 -16.46 7.24 5.23
CA GLY A 163 -15.66 7.70 4.14
C GLY A 163 -14.23 7.16 4.08
N THR A 164 -13.77 6.42 5.05
CA THR A 164 -12.41 5.82 4.97
C THR A 164 -12.37 4.97 3.68
N VAL A 165 -11.33 5.18 2.91
CA VAL A 165 -11.14 4.44 1.66
C VAL A 165 -10.21 3.23 1.91
N LEU A 166 -10.70 2.05 1.65
CA LEU A 166 -9.78 0.88 1.60
C LEU A 166 -9.48 0.65 0.13
N LEU A 167 -8.23 0.45 -0.21
CA LEU A 167 -7.81 0.08 -1.57
C LEU A 167 -6.93 -1.15 -1.49
N ALA A 168 -7.36 -2.22 -2.13
CA ALA A 168 -6.76 -3.55 -1.98
C ALA A 168 -6.12 -4.00 -3.28
N ASP A 169 -4.82 -4.32 -3.24
CA ASP A 169 -4.14 -4.90 -4.36
C ASP A 169 -4.40 -6.36 -4.51
N ASN A 170 -4.28 -6.89 -5.72
CA ASN A 170 -4.19 -8.34 -5.95
C ASN A 170 -5.45 -9.06 -5.68
N VAL A 171 -6.60 -8.42 -5.96
CA VAL A 171 -7.87 -9.07 -5.61
C VAL A 171 -8.20 -10.16 -6.64
N ILE A 172 -7.51 -10.24 -7.76
CA ILE A 172 -7.65 -11.32 -8.74
C ILE A 172 -6.46 -12.30 -8.66
N VAL A 173 -5.22 -11.81 -8.66
CA VAL A 173 -3.96 -12.61 -8.62
CA VAL A 173 -4.00 -12.64 -8.55
C VAL A 173 -3.02 -11.98 -7.57
N PRO A 174 -2.65 -12.71 -6.49
CA PRO A 174 -3.07 -14.05 -6.16
C PRO A 174 -4.52 -14.21 -5.82
N GLY A 175 -5.22 -13.13 -5.50
CA GLY A 175 -6.62 -13.15 -5.14
C GLY A 175 -6.80 -13.08 -3.67
N THR A 176 -7.95 -12.55 -3.28
CA THR A 176 -8.31 -12.44 -1.85
CA THR A 176 -8.34 -12.34 -1.89
C THR A 176 -9.82 -12.70 -1.72
N PRO A 177 -10.22 -13.97 -1.92
CA PRO A 177 -11.63 -14.24 -2.14
C PRO A 177 -12.51 -13.99 -0.93
N ASP A 178 -12.04 -14.23 0.27
CA ASP A 178 -12.85 -13.97 1.46
C ASP A 178 -13.06 -12.46 1.63
N PHE A 179 -12.00 -11.68 1.55
CA PHE A 179 -12.10 -10.22 1.61
C PHE A 179 -13.09 -9.71 0.59
N LEU A 180 -12.93 -10.12 -0.66
CA LEU A 180 -13.75 -9.57 -1.74
C LEU A 180 -15.20 -9.87 -1.55
N ALA A 181 -15.51 -11.13 -1.17
CA ALA A 181 -16.89 -11.49 -0.92
C ALA A 181 -17.45 -10.69 0.22
N TYR A 182 -16.63 -10.54 1.27
CA TYR A 182 -17.10 -9.83 2.43
C TYR A 182 -17.47 -8.41 2.13
N VAL A 183 -16.53 -7.64 1.59
CA VAL A 183 -16.80 -6.23 1.38
C VAL A 183 -17.93 -6.03 0.37
N ARG A 184 -18.01 -6.85 -0.66
CA ARG A 184 -19.04 -6.70 -1.68
C ARG A 184 -20.40 -7.06 -1.13
N GLY A 185 -20.47 -7.88 -0.09
CA GLY A 185 -21.72 -8.26 0.52
C GLY A 185 -22.18 -7.44 1.67
N SER A 186 -21.36 -6.52 2.15
CA SER A 186 -21.59 -5.78 3.37
C SER A 186 -22.22 -4.44 3.08
N SER A 187 -23.28 -4.10 3.80
CA SER A 187 -23.89 -2.76 3.72
CA SER A 187 -23.88 -2.77 3.66
C SER A 187 -23.01 -1.69 4.31
N SER A 188 -21.95 -2.09 5.00
CA SER A 188 -20.99 -1.10 5.54
C SER A 188 -19.86 -0.69 4.60
N PHE A 189 -19.87 -1.22 3.38
CA PHE A 189 -18.93 -0.82 2.38
C PHE A 189 -19.58 -0.52 1.05
N GLU A 190 -19.07 0.50 0.35
CA GLU A 190 -19.47 0.74 -1.03
CA GLU A 190 -19.47 0.77 -1.03
C GLU A 190 -18.24 0.44 -1.88
N CYS A 191 -18.37 -0.52 -2.78
CA CYS A 191 -17.23 -1.10 -3.50
C CYS A 191 -17.19 -0.76 -4.97
N THR A 192 -15.98 -0.65 -5.50
CA THR A 192 -15.72 -0.44 -6.91
C THR A 192 -14.53 -1.30 -7.32
N HIS A 193 -14.63 -2.03 -8.40
CA HIS A 193 -13.55 -2.83 -8.94
C HIS A 193 -12.89 -2.12 -10.08
N TYR A 194 -11.57 -2.01 -10.02
CA TYR A 194 -10.71 -1.41 -11.07
C TYR A 194 -9.89 -2.52 -11.74
N SER A 195 -10.31 -2.97 -12.89
CA SER A 195 -9.59 -4.03 -13.59
C SER A 195 -8.27 -3.49 -14.13
N SER A 196 -7.21 -4.28 -14.04
CA SER A 196 -5.90 -3.89 -14.51
C SER A 196 -5.09 -5.13 -14.83
N TYR A 197 -3.78 -5.06 -14.59
CA TYR A 197 -2.87 -6.15 -14.90
C TYR A 197 -1.95 -6.32 -13.75
N LEU A 198 -1.55 -7.57 -13.56
CA LEU A 198 -0.48 -7.90 -12.65
C LEU A 198 0.78 -7.14 -13.01
N GLU A 199 1.48 -6.64 -12.03
CA GLU A 199 2.69 -5.88 -12.26
C GLU A 199 3.62 -6.63 -13.23
N TYR A 200 4.01 -5.87 -14.25
CA TYR A 200 5.04 -6.28 -15.17
C TYR A 200 4.66 -7.50 -16.00
N MET A 201 3.40 -7.84 -16.10
CA MET A 201 2.95 -9.10 -16.74
C MET A 201 1.70 -8.87 -17.53
N LYS A 202 1.53 -9.67 -18.56
CA LYS A 202 0.29 -9.69 -19.35
C LYS A 202 -0.66 -10.71 -18.77
N VAL A 203 -1.10 -10.43 -17.54
CA VAL A 203 -1.99 -11.27 -16.75
C VAL A 203 -2.97 -10.28 -16.09
N VAL A 204 -4.27 -10.54 -16.15
CA VAL A 204 -5.25 -9.67 -15.52
C VAL A 204 -5.15 -9.69 -14.01
N ASP A 205 -5.23 -8.51 -13.40
CA ASP A 205 -5.40 -8.39 -11.96
C ASP A 205 -6.33 -7.24 -11.70
N GLY A 206 -6.47 -6.81 -10.48
CA GLY A 206 -7.33 -5.65 -10.21
C GLY A 206 -7.12 -5.16 -8.82
N LEU A 207 -7.61 -3.93 -8.62
CA LEU A 207 -7.75 -3.33 -7.31
C LEU A 207 -9.20 -3.24 -6.93
N GLU A 208 -9.50 -3.41 -5.67
CA GLU A 208 -10.85 -3.13 -5.15
C GLU A 208 -10.76 -1.90 -4.25
N LYS A 209 -11.65 -0.92 -4.45
CA LYS A 209 -11.85 0.15 -3.53
C LYS A 209 -13.10 -0.15 -2.74
N ALA A 210 -13.03 -0.05 -1.43
CA ALA A 210 -14.19 -0.27 -0.54
C ALA A 210 -14.25 0.88 0.42
N ILE A 211 -15.29 1.70 0.30
CA ILE A 211 -15.46 2.88 1.16
C ILE A 211 -16.33 2.55 2.35
N TYR A 212 -15.77 2.73 3.53
CA TYR A 212 -16.49 2.39 4.78
C TYR A 212 -17.62 3.39 5.01
N GLN A 213 -18.76 2.84 5.35
CA GLN A 213 -19.98 3.66 5.55
C GLN A 213 -20.43 3.75 7.00
N GLY A 214 -19.67 3.22 7.94
CA GLY A 214 -20.08 3.26 9.39
C GLY A 214 -20.78 1.95 9.68
N PRO A 215 -21.18 1.76 10.95
CA PRO A 215 -21.93 0.53 11.36
C PRO A 215 -23.42 0.47 10.98
MG MG B . 0.60 -6.58 -4.43
CL CL C . 4.79 -2.07 -3.76
C4 77M D . 2.28 -11.57 -4.51
C5 77M D . 2.13 -10.49 -3.61
C6 77M D . 1.79 -9.20 -4.10
C7 77M D . 2.29 -12.53 -6.81
C8 77M D . 1.55 -12.56 -7.97
C10 77M D . 2.58 -14.60 -8.57
C20 77M D . 7.79 -12.44 6.73
C21 77M D . 8.65 -13.04 5.84
C22 77M D . 8.46 -12.89 4.46
C24 77M D . 6.56 -11.55 4.86
C1 77M D . 1.65 -9.05 -5.49
C2 77M D . 1.84 -10.10 -6.34
C3 77M D . 2.11 -11.40 -5.88
C9 77M D . 1.68 -13.59 -8.88
C11 77M D . 3.32 -14.61 -7.40
C12 77M D . 3.16 -13.59 -6.53
F13 77M D . 2.73 -15.64 -9.46
O14 77M D . 1.40 -7.79 -5.95
O15 77M D . 1.53 -8.12 -3.33
C16 77M D . 2.29 -10.74 -2.17
N17 77M D . 2.30 -9.75 -1.30
O18 77M D . 2.48 -11.92 -1.78
C19 77M D . 6.73 -11.70 6.25
C23 77M D . 7.45 -12.13 3.97
C25 77M D . 5.41 -10.79 4.33
O26 77M D . 4.55 -10.31 5.09
C27 77M D . 5.17 -10.89 2.84
S28 77M D . 3.80 -9.84 2.40
C29 77M D . 3.92 -10.02 0.58
C30 77M D . 2.48 -10.01 0.10
O31 77M D . 9.30 -13.46 3.55
O32 77M D . 9.71 -13.77 6.31
S SO4 E . 6.10 17.89 5.00
O1 SO4 E . 5.73 19.21 4.45
O2 SO4 E . 5.05 16.95 4.57
O3 SO4 E . 6.16 17.97 6.47
O4 SO4 E . 7.30 17.38 4.30
S1 D1D F . 16.24 -0.12 9.79
C1 D1D F . 15.37 1.34 9.31
C2 D1D F . 14.17 1.56 10.23
O2 D1D F . 13.64 2.90 10.12
C3 D1D F . 13.03 0.57 9.99
O3 D1D F . 11.92 0.93 10.83
C4 D1D F . 13.46 -0.89 10.23
S4 D1D F . 14.83 -1.38 9.18
C3' NHE G . 13.39 -0.53 9.26
C2' NHE G . 12.42 0.24 9.87
C1' NHE G . 12.72 1.50 10.37
C6' NHE G . 14.06 1.90 10.54
N NHE G . 11.65 2.12 10.90
C1 NHE G . 11.54 3.25 11.76
C2 NHE G . 10.21 3.49 12.44
S NHE G . 10.30 3.83 14.09
O1 NHE G . 8.94 4.32 14.51
O2 NHE G . 10.52 2.48 14.76
O3 NHE G . 11.47 4.83 14.29
C5' NHE G . 15.02 1.09 9.94
C4' NHE G . 14.71 -0.15 9.44
CL CL H . 3.14 -2.71 -14.71
#